data_1PKK
#
_entry.id   1PKK
#
_cell.length_a   110.576
_cell.length_b   110.576
_cell.length_c   110.576
_cell.angle_alpha   90.00
_cell.angle_beta   90.00
_cell.angle_gamma   90.00
#
_symmetry.space_group_name_H-M   'P 21 3'
#
loop_
_entity.id
_entity.type
_entity.pdbx_description
1 polymer 'Bifunctional deaminase/diphosphatase'
2 non-polymer 1,2-ETHANEDIOL
3 non-polymer "2'-DEOXYCYTIDINE-5'-TRIPHOSPHATE"
4 water water
#
_entity_poly.entity_id   1
_entity_poly.type   'polypeptide(L)'
_entity_poly.pdbx_seq_one_letter_code
;MILSDKDIIDYVTSKRIIIKPFNKDFVGPCSYDVTLGDEFIIYDDEVYDLSKELNYKRIKIKNSILVCPLNYNLTEEKIN
YFKEKYNVDYVVEGGVLGTTNEYIELPNDISAQYQGRSSLGRVFLTSHQTAGWIDAGFKGKITLEIVAFDKPVILYKNQR
IGQLIFSKLLSPADVGYSERKTSKYAYQKSVMPSLIHLDNHKKD
;
_entity_poly.pdbx_strand_id   A,B
#
loop_
_chem_comp.id
_chem_comp.type
_chem_comp.name
_chem_comp.formula
DCP non-polymer 2'-DEOXYCYTIDINE-5'-TRIPHOSPHATE 'C9 H16 N3 O13 P3'
EDO non-polymer 1,2-ETHANEDIOL 'C2 H6 O2'
#
# COMPACT_ATOMS: atom_id res chain seq x y z
N MET A 1 -23.12 11.85 -10.08
CA MET A 1 -22.96 13.14 -10.81
C MET A 1 -21.51 13.43 -11.13
N ILE A 2 -21.28 13.82 -12.38
CA ILE A 2 -19.95 14.13 -12.87
C ILE A 2 -19.68 15.63 -12.69
N LEU A 3 -18.47 15.98 -12.26
CA LEU A 3 -18.11 17.38 -12.08
C LEU A 3 -17.97 18.09 -13.41
N SER A 4 -18.56 19.28 -13.52
CA SER A 4 -18.43 20.05 -14.75
C SER A 4 -17.16 20.87 -14.64
N ASP A 5 -16.88 21.65 -15.67
CA ASP A 5 -15.71 22.49 -15.68
C ASP A 5 -15.70 23.43 -14.48
N LYS A 6 -16.87 23.97 -14.15
CA LYS A 6 -16.98 24.91 -13.03
C LYS A 6 -16.61 24.25 -11.71
N ASP A 7 -16.98 22.99 -11.56
CA ASP A 7 -16.68 22.24 -10.34
C ASP A 7 -15.19 21.90 -10.29
N ILE A 8 -14.66 21.45 -11.43
CA ILE A 8 -13.25 21.11 -11.50
C ILE A 8 -12.43 22.32 -11.06
N ILE A 9 -12.71 23.49 -11.63
CA ILE A 9 -11.98 24.70 -11.24
C ILE A 9 -12.11 24.98 -9.75
N ASP A 10 -13.33 24.87 -9.20
CA ASP A 10 -13.55 25.09 -7.76
C ASP A 10 -12.68 24.17 -6.90
N TYR A 11 -12.77 22.87 -7.15
CA TYR A 11 -12.02 21.90 -6.36
C TYR A 11 -10.52 22.07 -6.45
N VAL A 12 -10.03 22.46 -7.63
CA VAL A 12 -8.59 22.66 -7.79
C VAL A 12 -8.17 23.91 -7.02
N THR A 13 -8.99 24.96 -7.11
CA THR A 13 -8.69 26.22 -6.43
C THR A 13 -8.54 26.06 -4.91
N SER A 14 -9.46 25.30 -4.31
CA SER A 14 -9.44 25.07 -2.86
C SER A 14 -8.55 23.90 -2.45
N LYS A 15 -7.88 23.30 -3.41
CA LYS A 15 -6.98 22.18 -3.15
C LYS A 15 -7.70 20.90 -2.70
N ARG A 16 -8.99 20.79 -3.01
CA ARG A 16 -9.75 19.58 -2.68
C ARG A 16 -9.25 18.49 -3.61
N ILE A 17 -8.97 18.89 -4.85
CA ILE A 17 -8.40 17.97 -5.84
C ILE A 17 -7.08 18.58 -6.27
N ILE A 18 -6.00 17.83 -6.10
CA ILE A 18 -4.68 18.31 -6.49
C ILE A 18 -4.38 17.87 -7.93
N ILE A 19 -3.83 18.78 -8.72
CA ILE A 19 -3.42 18.48 -10.09
C ILE A 19 -2.13 19.27 -10.29
N LYS A 20 -1.02 18.55 -10.47
CA LYS A 20 0.28 19.19 -10.66
C LYS A 20 1.09 18.56 -11.79
N PRO A 21 1.43 19.34 -12.83
CA PRO A 21 1.12 20.76 -13.00
C PRO A 21 -0.34 20.94 -13.44
N PHE A 22 -0.91 22.10 -13.19
CA PHE A 22 -2.28 22.38 -13.58
C PHE A 22 -2.31 23.41 -14.69
N ASN A 23 -3.13 23.14 -15.70
CA ASN A 23 -3.29 24.03 -16.83
C ASN A 23 -4.78 24.31 -16.98
N LYS A 24 -5.19 25.54 -16.70
CA LYS A 24 -6.60 25.88 -16.78
C LYS A 24 -7.22 25.64 -18.15
N ASP A 25 -6.41 25.67 -19.20
CA ASP A 25 -6.92 25.46 -20.55
C ASP A 25 -7.16 23.98 -20.84
N PHE A 26 -6.76 23.11 -19.91
CA PHE A 26 -6.95 21.68 -20.05
C PHE A 26 -8.30 21.27 -19.46
N VAL A 27 -9.01 22.22 -18.85
CA VAL A 27 -10.31 21.92 -18.27
C VAL A 27 -11.39 21.92 -19.36
N GLY A 28 -12.05 20.79 -19.52
CA GLY A 28 -13.10 20.67 -20.52
C GLY A 28 -14.47 20.79 -19.89
N PRO A 29 -15.56 20.62 -20.68
CA PRO A 29 -16.93 20.70 -20.17
C PRO A 29 -17.15 19.83 -18.95
N CYS A 30 -16.57 18.63 -18.96
CA CYS A 30 -16.70 17.72 -17.82
C CYS A 30 -15.55 16.74 -17.67
N SER A 31 -14.33 17.26 -17.83
CA SER A 31 -13.12 16.44 -17.70
C SER A 31 -11.89 17.33 -17.69
N TYR A 32 -10.74 16.74 -17.41
CA TYR A 32 -9.47 17.45 -17.38
C TYR A 32 -8.48 16.68 -18.23
N ASP A 33 -7.89 17.35 -19.23
CA ASP A 33 -6.92 16.68 -20.11
C ASP A 33 -5.58 16.46 -19.40
N VAL A 34 -4.99 15.28 -19.63
CA VAL A 34 -3.69 14.96 -19.06
C VAL A 34 -2.72 14.72 -20.21
N THR A 35 -1.43 14.85 -19.94
CA THR A 35 -0.40 14.71 -20.96
C THR A 35 0.56 13.55 -20.75
N LEU A 36 1.18 13.13 -21.85
CA LEU A 36 2.12 12.01 -21.87
C LEU A 36 3.54 12.32 -21.46
N GLY A 37 4.02 11.64 -20.42
CA GLY A 37 5.39 11.82 -19.94
C GLY A 37 6.39 11.24 -20.92
N ASP A 38 7.66 11.58 -20.76
CA ASP A 38 8.69 11.09 -21.65
C ASP A 38 9.35 9.78 -21.23
N GLU A 39 8.93 9.23 -20.09
CA GLU A 39 9.50 7.98 -19.61
C GLU A 39 8.54 6.82 -19.82
N PHE A 40 9.06 5.73 -20.38
CA PHE A 40 8.26 4.55 -20.64
C PHE A 40 8.95 3.32 -20.07
N ILE A 41 8.16 2.27 -19.87
CA ILE A 41 8.65 1.01 -19.34
C ILE A 41 8.30 -0.14 -20.27
N ILE A 42 9.27 -1.02 -20.52
CA ILE A 42 9.06 -2.17 -21.38
C ILE A 42 9.45 -3.42 -20.61
N TYR A 43 8.49 -4.33 -20.43
CA TYR A 43 8.75 -5.57 -19.70
C TYR A 43 9.68 -6.48 -20.48
N ASP A 44 10.39 -7.35 -19.76
CA ASP A 44 11.33 -8.28 -20.38
C ASP A 44 11.25 -9.64 -19.70
N ASP A 45 10.11 -10.32 -19.89
CA ASP A 45 9.90 -11.65 -19.33
C ASP A 45 9.10 -12.49 -20.32
N GLU A 46 9.31 -13.80 -20.27
CA GLU A 46 8.62 -14.74 -21.13
C GLU A 46 7.13 -14.70 -20.85
N VAL A 47 6.79 -14.74 -19.57
CA VAL A 47 5.40 -14.70 -19.14
C VAL A 47 5.32 -13.77 -17.94
N TYR A 48 4.12 -13.29 -17.67
CA TYR A 48 3.93 -12.39 -16.54
C TYR A 48 3.28 -13.11 -15.38
N ASP A 49 4.04 -13.28 -14.30
CA ASP A 49 3.54 -13.92 -13.09
C ASP A 49 3.58 -12.83 -12.02
N LEU A 50 2.41 -12.37 -11.60
CA LEU A 50 2.31 -11.30 -10.61
C LEU A 50 2.89 -11.64 -9.23
N SER A 51 3.17 -12.92 -8.99
CA SER A 51 3.74 -13.29 -7.69
C SER A 51 5.16 -12.76 -7.61
N LYS A 52 5.75 -12.48 -8.78
CA LYS A 52 7.13 -11.98 -8.80
C LYS A 52 7.24 -10.54 -9.25
N GLU A 53 8.44 -9.99 -9.12
CA GLU A 53 8.72 -8.63 -9.55
C GLU A 53 9.14 -8.79 -11.01
N LEU A 54 8.37 -8.21 -11.92
CA LEU A 54 8.69 -8.33 -13.34
C LEU A 54 9.95 -7.58 -13.74
N ASN A 55 10.67 -8.15 -14.70
CA ASN A 55 11.90 -7.54 -15.23
C ASN A 55 11.48 -6.54 -16.29
N TYR A 56 12.16 -5.41 -16.34
CA TYR A 56 11.82 -4.38 -17.32
C TYR A 56 12.98 -3.47 -17.66
N LYS A 57 12.75 -2.59 -18.64
CA LYS A 57 13.77 -1.63 -19.07
C LYS A 57 13.10 -0.26 -19.14
N ARG A 58 13.76 0.75 -18.59
CA ARG A 58 13.23 2.10 -18.62
C ARG A 58 13.89 2.92 -19.72
N ILE A 59 13.08 3.59 -20.52
CA ILE A 59 13.61 4.42 -21.60
C ILE A 59 13.01 5.81 -21.51
N LYS A 60 13.73 6.78 -22.05
CA LYS A 60 13.27 8.16 -22.06
C LYS A 60 13.40 8.68 -23.48
N ILE A 61 12.30 9.13 -24.06
CA ILE A 61 12.31 9.64 -25.42
C ILE A 61 12.58 11.13 -25.46
N LYS A 62 13.30 11.57 -26.48
CA LYS A 62 13.61 12.98 -26.62
C LYS A 62 12.39 13.75 -27.13
N ASN A 63 11.65 13.13 -28.04
CA ASN A 63 10.47 13.80 -28.60
C ASN A 63 9.31 12.88 -28.97
N SER A 64 9.61 11.75 -29.59
CA SER A 64 8.54 10.86 -30.02
C SER A 64 8.87 9.38 -30.00
N ILE A 65 7.81 8.57 -30.07
CA ILE A 65 7.96 7.13 -30.06
C ILE A 65 6.91 6.51 -30.99
N LEU A 66 7.29 5.43 -31.66
CA LEU A 66 6.38 4.73 -32.56
C LEU A 66 5.92 3.45 -31.88
N VAL A 67 4.61 3.34 -31.63
CA VAL A 67 4.03 2.17 -30.98
C VAL A 67 3.38 1.27 -32.02
N CYS A 68 3.98 0.10 -32.25
CA CYS A 68 3.48 -0.87 -33.24
C CYS A 68 2.63 -1.94 -32.58
N PRO A 69 1.64 -2.48 -33.33
CA PRO A 69 0.79 -3.53 -32.77
C PRO A 69 1.65 -4.75 -32.40
N LEU A 70 1.12 -5.61 -31.54
CA LEU A 70 1.84 -6.81 -31.13
C LEU A 70 2.14 -7.68 -32.35
N ASN A 71 3.22 -8.46 -32.27
CA ASN A 71 3.64 -9.35 -33.35
C ASN A 71 3.87 -8.61 -34.68
N TYR A 72 4.34 -7.37 -34.57
CA TYR A 72 4.61 -6.58 -35.77
C TYR A 72 5.91 -7.08 -36.37
N ASN A 73 6.60 -7.94 -35.62
CA ASN A 73 7.87 -8.52 -36.07
C ASN A 73 8.88 -7.45 -36.45
N LEU A 74 9.30 -6.66 -35.47
CA LEU A 74 10.27 -5.59 -35.69
C LEU A 74 11.70 -6.11 -35.77
N THR A 75 12.40 -5.69 -36.81
CA THR A 75 13.79 -6.08 -37.00
C THR A 75 14.64 -4.81 -36.94
N GLU A 76 15.94 -4.99 -36.78
CA GLU A 76 16.84 -3.84 -36.71
C GLU A 76 16.69 -2.97 -37.95
N GLU A 77 16.48 -3.60 -39.11
CA GLU A 77 16.31 -2.88 -40.35
C GLU A 77 15.03 -2.05 -40.33
N LYS A 78 13.94 -2.66 -39.90
CA LYS A 78 12.65 -1.98 -39.85
C LYS A 78 12.68 -0.81 -38.88
N ILE A 79 13.39 -0.98 -37.77
CA ILE A 79 13.50 0.07 -36.76
C ILE A 79 14.20 1.30 -37.33
N ASN A 80 15.34 1.10 -37.97
CA ASN A 80 16.09 2.21 -38.55
C ASN A 80 15.29 2.84 -39.69
N TYR A 81 14.47 2.02 -40.35
CA TYR A 81 13.64 2.50 -41.43
C TYR A 81 12.59 3.47 -40.89
N PHE A 82 12.00 3.11 -39.75
CA PHE A 82 10.99 3.94 -39.13
C PHE A 82 11.60 5.20 -38.53
N LYS A 83 12.69 5.03 -37.78
CA LYS A 83 13.36 6.16 -37.14
C LYS A 83 13.80 7.23 -38.14
N GLU A 84 14.24 6.79 -39.32
CA GLU A 84 14.69 7.72 -40.35
C GLU A 84 13.53 8.36 -41.10
N LYS A 85 12.53 7.54 -41.44
CA LYS A 85 11.37 8.02 -42.19
C LYS A 85 10.39 8.87 -41.39
N TYR A 86 10.20 8.54 -40.11
CA TYR A 86 9.25 9.29 -39.30
C TYR A 86 9.91 10.08 -38.17
N ASN A 87 11.23 10.05 -38.15
CA ASN A 87 12.00 10.78 -37.15
C ASN A 87 11.59 10.47 -35.70
N VAL A 88 11.34 9.21 -35.41
CA VAL A 88 10.97 8.81 -34.06
C VAL A 88 12.22 8.39 -33.29
N ASP A 89 12.23 8.66 -31.98
CA ASP A 89 13.38 8.33 -31.14
C ASP A 89 13.43 6.86 -30.77
N TYR A 90 12.26 6.26 -30.57
CA TYR A 90 12.17 4.86 -30.21
C TYR A 90 11.05 4.16 -30.96
N VAL A 91 11.23 2.86 -31.18
CA VAL A 91 10.25 2.05 -31.87
C VAL A 91 9.97 0.81 -31.03
N VAL A 92 8.71 0.61 -30.65
CA VAL A 92 8.35 -0.54 -29.84
C VAL A 92 7.12 -1.26 -30.40
N GLU A 93 6.96 -2.52 -30.02
CA GLU A 93 5.80 -3.29 -30.47
C GLU A 93 5.14 -3.92 -29.25
N GLY A 94 3.83 -4.09 -29.31
CA GLY A 94 3.12 -4.67 -28.18
C GLY A 94 2.84 -3.64 -27.11
N GLY A 95 2.63 -4.10 -25.88
CA GLY A 95 2.33 -3.18 -24.79
C GLY A 95 3.52 -2.41 -24.24
N VAL A 96 3.29 -1.14 -23.92
CA VAL A 96 4.34 -0.32 -23.34
C VAL A 96 3.73 0.54 -22.24
N LEU A 97 4.41 0.64 -21.11
CA LEU A 97 3.90 1.45 -20.00
C LEU A 97 4.35 2.89 -20.07
N GLY A 98 3.42 3.79 -19.84
CA GLY A 98 3.71 5.21 -19.85
C GLY A 98 3.21 5.81 -18.58
N THR A 99 3.32 7.13 -18.48
CA THR A 99 2.85 7.83 -17.29
C THR A 99 2.40 9.23 -17.71
N THR A 100 1.46 9.78 -16.95
CA THR A 100 0.99 11.11 -17.23
C THR A 100 2.02 12.03 -16.60
N ASN A 101 2.08 13.28 -17.07
CA ASN A 101 3.01 14.24 -16.49
C ASN A 101 2.38 14.68 -15.18
N GLU A 102 1.05 14.73 -15.19
CA GLU A 102 0.28 15.17 -14.05
C GLU A 102 0.21 14.23 -12.85
N TYR A 103 0.38 14.80 -11.67
CA TYR A 103 0.29 14.08 -10.41
C TYR A 103 -1.03 14.58 -9.82
N ILE A 104 -1.85 13.67 -9.29
CA ILE A 104 -3.12 14.07 -8.72
C ILE A 104 -3.34 13.54 -7.32
N GLU A 105 -4.25 14.19 -6.60
CA GLU A 105 -4.64 13.73 -5.27
C GLU A 105 -6.14 13.86 -5.26
N LEU A 106 -6.82 12.78 -4.89
CA LEU A 106 -8.28 12.80 -4.84
C LEU A 106 -8.75 12.81 -3.40
N PRO A 107 -9.80 13.60 -3.11
CA PRO A 107 -10.36 13.69 -1.76
C PRO A 107 -11.21 12.45 -1.47
N ASN A 108 -11.75 12.34 -0.26
CA ASN A 108 -12.55 11.17 0.07
C ASN A 108 -13.96 11.21 -0.49
N ASP A 109 -14.30 12.25 -1.23
CA ASP A 109 -15.64 12.36 -1.80
C ASP A 109 -15.64 12.45 -3.34
N ILE A 110 -14.50 12.05 -3.93
CA ILE A 110 -14.34 12.07 -5.38
C ILE A 110 -13.63 10.82 -5.93
N SER A 111 -14.17 10.27 -7.01
CA SER A 111 -13.53 9.15 -7.68
C SER A 111 -13.30 9.68 -9.08
N ALA A 112 -12.25 9.22 -9.73
CA ALA A 112 -11.95 9.69 -11.07
C ALA A 112 -11.75 8.53 -12.03
N GLN A 113 -12.09 8.76 -13.30
CA GLN A 113 -11.91 7.74 -14.32
C GLN A 113 -10.99 8.29 -15.39
N TYR A 114 -9.99 7.52 -15.78
CA TYR A 114 -9.09 7.97 -16.84
C TYR A 114 -9.53 7.29 -18.13
N GLN A 115 -9.52 8.05 -19.22
CA GLN A 115 -9.88 7.50 -20.52
C GLN A 115 -8.93 8.05 -21.58
N GLY A 116 -8.54 7.19 -22.52
CA GLY A 116 -7.65 7.62 -23.59
C GLY A 116 -8.40 8.59 -24.48
N ARG A 117 -7.68 9.54 -25.08
CA ARG A 117 -8.36 10.52 -25.92
C ARG A 117 -8.99 9.94 -27.19
N SER A 118 -10.17 10.46 -27.53
CA SER A 118 -10.94 10.03 -28.68
C SER A 118 -10.19 10.09 -30.02
N SER A 119 -9.39 11.14 -30.22
CA SER A 119 -8.67 11.27 -31.48
C SER A 119 -7.70 10.12 -31.69
N LEU A 120 -7.19 9.56 -30.60
CA LEU A 120 -6.27 8.42 -30.69
C LEU A 120 -7.07 7.12 -30.76
N GLY A 121 -8.21 7.07 -30.09
CA GLY A 121 -9.03 5.87 -30.16
C GLY A 121 -9.44 5.70 -31.63
N ARG A 122 -9.59 6.83 -32.30
CA ARG A 122 -10.00 6.86 -33.71
C ARG A 122 -8.96 6.19 -34.61
N VAL A 123 -7.73 6.06 -34.14
CA VAL A 123 -6.69 5.40 -34.93
C VAL A 123 -6.27 4.10 -34.22
N PHE A 124 -7.19 3.60 -33.41
CA PHE A 124 -7.01 2.35 -32.68
C PHE A 124 -5.82 2.33 -31.73
N LEU A 125 -5.55 3.45 -31.07
CA LEU A 125 -4.46 3.53 -30.10
C LEU A 125 -5.12 3.77 -28.74
N THR A 126 -4.82 2.92 -27.77
CA THR A 126 -5.39 3.08 -26.44
C THR A 126 -4.27 3.26 -25.41
N SER A 127 -4.57 3.96 -24.33
CA SER A 127 -3.58 4.19 -23.28
C SER A 127 -4.07 3.63 -21.96
N HIS A 128 -5.09 2.77 -22.05
CA HIS A 128 -5.69 2.12 -20.88
C HIS A 128 -6.73 1.12 -21.41
N GLN A 129 -6.62 -0.15 -21.01
CA GLN A 129 -7.56 -1.18 -21.48
C GLN A 129 -8.66 -1.54 -20.49
N THR A 130 -8.64 -0.94 -19.31
CA THR A 130 -9.69 -1.19 -18.31
C THR A 130 -10.49 0.09 -18.15
N ALA A 131 -11.60 0.00 -17.42
CA ALA A 131 -12.48 1.14 -17.17
C ALA A 131 -11.69 2.34 -16.69
N GLY A 132 -10.67 2.10 -15.88
CA GLY A 132 -9.84 3.19 -15.41
C GLY A 132 -10.33 4.00 -14.22
N TRP A 133 -11.24 3.44 -13.43
CA TRP A 133 -11.74 4.15 -12.26
C TRP A 133 -10.63 4.18 -11.21
N ILE A 134 -10.51 5.31 -10.52
CA ILE A 134 -9.48 5.51 -9.51
C ILE A 134 -10.12 5.74 -8.14
N ASP A 135 -9.62 5.05 -7.12
CA ASP A 135 -10.18 5.19 -5.78
C ASP A 135 -10.07 6.57 -5.18
N ALA A 136 -11.08 6.93 -4.40
CA ALA A 136 -11.06 8.21 -3.71
C ALA A 136 -9.85 8.08 -2.79
N GLY A 137 -9.16 9.17 -2.54
CA GLY A 137 -7.99 9.13 -1.67
C GLY A 137 -6.69 8.87 -2.41
N PHE A 138 -6.79 8.49 -3.67
CA PHE A 138 -5.61 8.20 -4.49
C PHE A 138 -4.67 9.40 -4.61
N LYS A 139 -3.37 9.13 -4.60
CA LYS A 139 -2.36 10.16 -4.74
C LYS A 139 -1.29 9.61 -5.68
N GLY A 140 -0.99 10.35 -6.74
CA GLY A 140 0.04 9.90 -7.67
C GLY A 140 -0.23 10.25 -9.12
N LYS A 141 0.70 9.85 -9.99
CA LYS A 141 0.54 10.08 -11.41
C LYS A 141 -0.26 8.91 -11.93
N ILE A 142 -0.74 9.01 -13.17
CA ILE A 142 -1.56 7.95 -13.76
C ILE A 142 -0.70 7.05 -14.65
N THR A 143 -0.74 5.75 -14.39
CA THR A 143 0.02 4.79 -15.19
C THR A 143 -0.76 4.49 -16.47
N LEU A 144 -0.08 4.60 -17.60
CA LEU A 144 -0.72 4.35 -18.89
C LEU A 144 -0.30 3.01 -19.48
N GLU A 145 -1.28 2.28 -20.01
CA GLU A 145 -1.04 0.99 -20.66
C GLU A 145 -1.32 1.29 -22.13
N ILE A 146 -0.26 1.50 -22.89
CA ILE A 146 -0.39 1.86 -24.31
C ILE A 146 -0.30 0.69 -25.28
N VAL A 147 -1.33 0.54 -26.11
CA VAL A 147 -1.39 -0.52 -27.10
C VAL A 147 -2.07 -0.05 -28.39
N ALA A 148 -1.47 -0.40 -29.53
CA ALA A 148 -2.01 -0.05 -30.84
C ALA A 148 -2.59 -1.34 -31.40
N PHE A 149 -3.82 -1.27 -31.91
CA PHE A 149 -4.49 -2.48 -32.42
C PHE A 149 -4.67 -2.59 -33.92
N ASP A 150 -4.10 -1.65 -34.68
CA ASP A 150 -4.25 -1.72 -36.13
C ASP A 150 -2.93 -1.49 -36.85
N LYS A 151 -2.40 -0.27 -36.79
CA LYS A 151 -1.13 0.07 -37.41
C LYS A 151 -0.28 0.85 -36.42
N PRO A 152 1.04 0.98 -36.68
CA PRO A 152 1.88 1.72 -35.74
C PRO A 152 1.39 3.17 -35.62
N VAL A 153 1.46 3.72 -34.40
CA VAL A 153 1.02 5.08 -34.14
C VAL A 153 2.12 5.90 -33.50
N ILE A 154 2.29 7.14 -33.97
CA ILE A 154 3.32 8.01 -33.42
C ILE A 154 2.75 8.81 -32.25
N LEU A 155 3.44 8.77 -31.11
CA LEU A 155 3.02 9.52 -29.93
C LEU A 155 4.13 10.52 -29.64
N TYR A 156 3.75 11.73 -29.22
CA TYR A 156 4.73 12.75 -28.91
C TYR A 156 4.78 13.10 -27.43
N LYS A 157 5.98 13.38 -26.94
CA LYS A 157 6.19 13.76 -25.55
C LYS A 157 5.34 14.99 -25.22
N ASN A 158 4.71 14.98 -24.04
CA ASN A 158 3.90 16.10 -23.59
C ASN A 158 2.57 16.33 -24.32
N GLN A 159 2.24 15.48 -25.29
CA GLN A 159 0.98 15.65 -26.01
C GLN A 159 -0.19 15.26 -25.11
N ARG A 160 -1.37 15.80 -25.37
CA ARG A 160 -2.52 15.42 -24.57
C ARG A 160 -2.76 13.97 -24.96
N ILE A 161 -2.90 13.10 -23.96
CA ILE A 161 -3.05 11.67 -24.21
C ILE A 161 -4.40 11.12 -23.76
N GLY A 162 -5.04 11.80 -22.82
CA GLY A 162 -6.33 11.33 -22.33
C GLY A 162 -7.01 12.38 -21.46
N GLN A 163 -8.01 11.94 -20.70
CA GLN A 163 -8.77 12.84 -19.83
C GLN A 163 -9.20 12.16 -18.54
N LEU A 164 -9.32 12.96 -17.48
CA LEU A 164 -9.79 12.46 -16.19
C LEU A 164 -11.21 13.02 -16.05
N ILE A 165 -12.13 12.13 -15.69
CA ILE A 165 -13.53 12.48 -15.48
C ILE A 165 -13.74 12.28 -13.99
N PHE A 166 -14.22 13.31 -13.30
CA PHE A 166 -14.43 13.24 -11.87
C PHE A 166 -15.88 13.06 -11.48
N SER A 167 -16.13 12.12 -10.57
CA SER A 167 -17.49 11.87 -10.13
C SER A 167 -17.58 12.02 -8.61
N LYS A 168 -18.70 12.55 -8.13
CA LYS A 168 -18.89 12.71 -6.70
C LYS A 168 -19.29 11.35 -6.15
N LEU A 169 -18.93 11.10 -4.91
CA LEU A 169 -19.33 9.87 -4.24
C LEU A 169 -20.60 10.24 -3.50
N LEU A 170 -21.46 9.26 -3.27
CA LEU A 170 -22.72 9.48 -2.57
C LEU A 170 -22.49 9.89 -1.11
N SER A 171 -21.40 9.40 -0.56
CA SER A 171 -21.01 9.65 0.83
C SER A 171 -19.49 9.66 0.89
N PRO A 172 -18.93 10.24 1.96
CA PRO A 172 -17.47 10.27 2.11
C PRO A 172 -16.98 8.83 2.27
N ALA A 173 -15.87 8.50 1.64
CA ALA A 173 -15.35 7.15 1.77
C ALA A 173 -14.21 7.08 2.76
N ASP A 174 -14.01 5.87 3.27
CA ASP A 174 -12.92 5.57 4.18
C ASP A 174 -11.86 5.19 3.15
N VAL A 175 -10.85 6.03 2.99
CA VAL A 175 -9.81 5.80 2.00
C VAL A 175 -8.89 4.62 2.33
N GLY A 176 -9.11 3.99 3.47
CA GLY A 176 -8.29 2.84 3.84
C GLY A 176 -7.49 3.04 5.11
N TYR A 177 -7.23 4.29 5.47
CA TYR A 177 -6.48 4.60 6.69
C TYR A 177 -6.77 5.99 7.19
N SER A 178 -6.42 6.23 8.45
CA SER A 178 -6.59 7.53 9.10
C SER A 178 -5.32 7.85 9.86
N GLU A 179 -4.97 9.13 9.93
CA GLU A 179 -3.77 9.57 10.64
C GLU A 179 -4.11 10.71 11.59
N ARG A 180 -3.46 10.72 12.76
CA ARG A 180 -3.65 11.79 13.74
C ARG A 180 -2.31 12.42 14.04
N LYS A 181 -2.08 12.68 15.32
CA LYS A 181 -0.83 13.29 15.78
C LYS A 181 -0.56 12.85 17.21
N THR A 182 0.53 13.33 17.78
CA THR A 182 0.88 12.99 19.16
C THR A 182 -0.23 13.46 20.11
N MET B 1 7.43 -23.97 35.33
CA MET B 1 6.12 -24.63 35.09
C MET B 1 5.25 -23.77 34.17
N ILE B 2 5.09 -24.23 32.93
CA ILE B 2 4.28 -23.52 31.93
C ILE B 2 2.85 -24.07 32.02
N LEU B 3 1.86 -23.19 31.96
CA LEU B 3 0.47 -23.63 32.02
C LEU B 3 0.05 -24.33 30.73
N SER B 4 -0.68 -25.43 30.86
CA SER B 4 -1.16 -26.18 29.70
C SER B 4 -2.52 -25.62 29.34
N ASP B 5 -3.09 -26.12 28.24
CA ASP B 5 -4.41 -25.68 27.80
C ASP B 5 -5.43 -25.73 28.93
N LYS B 6 -5.44 -26.83 29.68
CA LYS B 6 -6.37 -27.00 30.79
C LYS B 6 -6.20 -25.94 31.86
N ASP B 7 -4.95 -25.60 32.16
CA ASP B 7 -4.66 -24.58 33.17
C ASP B 7 -5.10 -23.20 32.70
N ILE B 8 -4.80 -22.87 31.44
CA ILE B 8 -5.20 -21.59 30.90
C ILE B 8 -6.71 -21.46 31.04
N ILE B 9 -7.43 -22.48 30.58
CA ILE B 9 -8.89 -22.48 30.68
C ILE B 9 -9.35 -22.21 32.12
N ASP B 10 -8.76 -22.92 33.08
CA ASP B 10 -9.11 -22.75 34.51
C ASP B 10 -8.88 -21.33 34.98
N TYR B 11 -7.68 -20.79 34.73
CA TYR B 11 -7.34 -19.44 35.18
C TYR B 11 -8.20 -18.33 34.57
N VAL B 12 -8.64 -18.54 33.33
CA VAL B 12 -9.49 -17.54 32.70
C VAL B 12 -10.89 -17.65 33.29
N THR B 13 -11.34 -18.88 33.50
CA THR B 13 -12.68 -19.12 34.05
C THR B 13 -12.87 -18.48 35.42
N SER B 14 -11.85 -18.59 36.29
CA SER B 14 -11.92 -18.02 37.63
C SER B 14 -11.43 -16.57 37.70
N LYS B 15 -11.12 -16.01 36.54
CA LYS B 15 -10.64 -14.63 36.44
C LYS B 15 -9.29 -14.36 37.10
N ARG B 16 -8.48 -15.41 37.24
CA ARG B 16 -7.15 -15.24 37.81
C ARG B 16 -6.32 -14.53 36.75
N ILE B 17 -6.58 -14.92 35.50
CA ILE B 17 -5.94 -14.31 34.35
C ILE B 17 -7.08 -13.72 33.51
N ILE B 18 -7.01 -12.43 33.26
CA ILE B 18 -8.02 -11.74 32.45
C ILE B 18 -7.54 -11.67 31.00
N ILE B 19 -8.43 -12.00 30.07
CA ILE B 19 -8.13 -11.94 28.65
C ILE B 19 -9.42 -11.45 28.00
N LYS B 20 -9.38 -10.24 27.46
CA LYS B 20 -10.57 -9.65 26.83
C LYS B 20 -10.21 -9.04 25.47
N PRO B 21 -10.82 -9.54 24.40
CA PRO B 21 -11.81 -10.62 24.41
C PRO B 21 -11.13 -11.98 24.48
N PHE B 22 -11.92 -13.00 24.82
CA PHE B 22 -11.42 -14.37 24.94
C PHE B 22 -12.13 -15.30 23.99
N ASN B 23 -11.35 -16.16 23.33
CA ASN B 23 -11.89 -17.14 22.39
C ASN B 23 -11.27 -18.49 22.76
N LYS B 24 -12.09 -19.45 23.17
CA LYS B 24 -11.56 -20.76 23.55
C LYS B 24 -10.78 -21.44 22.44
N ASP B 25 -11.10 -21.11 21.18
CA ASP B 25 -10.41 -21.73 20.05
C ASP B 25 -8.95 -21.27 19.92
N PHE B 26 -8.61 -20.19 20.60
CA PHE B 26 -7.24 -19.65 20.56
C PHE B 26 -6.34 -20.33 21.60
N VAL B 27 -6.91 -21.20 22.41
CA VAL B 27 -6.12 -21.92 23.42
C VAL B 27 -5.41 -23.09 22.77
N GLY B 28 -4.09 -23.08 22.86
CA GLY B 28 -3.29 -24.15 22.30
C GLY B 28 -2.79 -25.05 23.42
N PRO B 29 -1.99 -26.07 23.09
CA PRO B 29 -1.43 -27.02 24.06
C PRO B 29 -0.84 -26.32 25.27
N CYS B 30 -0.11 -25.23 25.04
CA CYS B 30 0.47 -24.49 26.15
C CYS B 30 0.65 -23.02 25.87
N SER B 31 -0.37 -22.42 25.26
CA SER B 31 -0.32 -21.00 24.95
C SER B 31 -1.70 -20.50 24.57
N TYR B 32 -1.81 -19.19 24.35
CA TYR B 32 -3.06 -18.59 23.95
C TYR B 32 -2.75 -17.62 22.83
N ASP B 33 -3.38 -17.81 21.67
CA ASP B 33 -3.12 -16.92 20.54
C ASP B 33 -3.76 -15.56 20.72
N VAL B 34 -3.02 -14.52 20.34
CA VAL B 34 -3.54 -13.16 20.40
C VAL B 34 -3.62 -12.65 18.96
N THR B 35 -4.38 -11.57 18.76
CA THR B 35 -4.60 -11.02 17.43
C THR B 35 -4.18 -9.56 17.22
N LEU B 36 -3.95 -9.21 15.96
CA LEU B 36 -3.50 -7.86 15.59
C LEU B 36 -4.60 -6.78 15.50
N GLY B 37 -4.39 -5.71 16.26
CA GLY B 37 -5.33 -4.61 16.28
C GLY B 37 -5.16 -3.77 15.02
N ASP B 38 -6.09 -2.87 14.75
CA ASP B 38 -6.02 -2.02 13.56
C ASP B 38 -5.28 -0.70 13.78
N GLU B 39 -4.78 -0.48 14.98
CA GLU B 39 -4.08 0.76 15.28
C GLU B 39 -2.57 0.60 15.36
N PHE B 40 -1.85 1.49 14.70
CA PHE B 40 -0.40 1.45 14.69
C PHE B 40 0.18 2.82 15.02
N ILE B 41 1.45 2.81 15.42
CA ILE B 41 2.16 4.03 15.77
C ILE B 41 3.48 4.07 15.02
N ILE B 42 3.76 5.22 14.42
CA ILE B 42 4.99 5.43 13.66
C ILE B 42 5.68 6.67 14.22
N TYR B 43 6.92 6.49 14.68
CA TYR B 43 7.68 7.59 15.24
C TYR B 43 8.10 8.52 14.11
N ASP B 44 8.13 9.83 14.39
CA ASP B 44 8.53 10.76 13.33
C ASP B 44 9.70 11.66 13.69
N ASP B 45 10.48 11.26 14.69
CA ASP B 45 11.65 12.03 15.09
C ASP B 45 12.88 11.44 14.41
N GLU B 46 13.95 12.24 14.33
CA GLU B 46 15.19 11.82 13.70
C GLU B 46 15.90 10.68 14.40
N VAL B 47 15.95 10.73 15.73
CA VAL B 47 16.60 9.69 16.52
C VAL B 47 15.77 9.43 17.79
N TYR B 48 16.00 8.27 18.38
CA TYR B 48 15.29 7.89 19.60
C TYR B 48 16.09 8.26 20.84
N ASP B 49 15.57 9.20 21.61
CA ASP B 49 16.20 9.65 22.85
C ASP B 49 15.16 9.43 23.94
N LEU B 50 15.29 8.34 24.70
CA LEU B 50 14.32 8.03 25.74
C LEU B 50 14.28 9.04 26.88
N SER B 51 15.22 9.98 26.90
CA SER B 51 15.24 11.00 27.95
C SER B 51 14.27 12.12 27.57
N LYS B 52 13.71 12.03 26.38
CA LYS B 52 12.76 13.04 25.91
C LYS B 52 11.45 12.41 25.47
N GLU B 53 10.42 13.24 25.33
CA GLU B 53 9.11 12.76 24.90
C GLU B 53 9.17 12.52 23.41
N LEU B 54 8.74 11.33 22.99
CA LEU B 54 8.77 10.93 21.58
C LEU B 54 7.56 11.40 20.77
N ASN B 55 7.81 11.93 19.58
CA ASN B 55 6.74 12.37 18.70
C ASN B 55 6.35 11.20 17.81
N TYR B 56 5.08 11.09 17.47
CA TYR B 56 4.63 9.98 16.64
C TYR B 56 3.29 10.30 15.98
N LYS B 57 2.93 9.50 14.99
CA LYS B 57 1.67 9.66 14.29
C LYS B 57 0.85 8.39 14.47
N ARG B 58 -0.44 8.56 14.74
CA ARG B 58 -1.36 7.45 14.94
C ARG B 58 -1.93 7.03 13.59
N ILE B 59 -1.82 5.75 13.27
CA ILE B 59 -2.33 5.22 12.01
C ILE B 59 -3.34 4.10 12.26
N LYS B 60 -4.48 4.16 11.60
CA LYS B 60 -5.49 3.12 11.75
C LYS B 60 -5.78 2.57 10.35
N ILE B 61 -5.75 1.26 10.21
CA ILE B 61 -5.99 0.64 8.92
C ILE B 61 -7.36 -0.02 8.86
N LYS B 62 -7.90 -0.15 7.66
CA LYS B 62 -9.19 -0.79 7.50
C LYS B 62 -9.06 -2.30 7.41
N ASN B 63 -8.10 -2.77 6.63
CA ASN B 63 -7.92 -4.20 6.43
C ASN B 63 -6.50 -4.77 6.57
N SER B 64 -5.54 -4.16 5.89
CA SER B 64 -4.19 -4.69 5.94
C SER B 64 -3.11 -3.63 5.78
N ILE B 65 -1.88 -4.03 6.08
CA ILE B 65 -0.74 -3.14 5.99
C ILE B 65 0.42 -3.93 5.43
N LEU B 66 1.29 -3.28 4.67
CA LEU B 66 2.46 -3.94 4.10
C LEU B 66 3.67 -3.44 4.88
N VAL B 67 4.37 -4.35 5.54
CA VAL B 67 5.55 -4.02 6.31
C VAL B 67 6.80 -4.34 5.50
N CYS B 68 7.54 -3.31 5.13
CA CYS B 68 8.76 -3.50 4.35
C CYS B 68 10.02 -3.40 5.18
N PRO B 69 11.09 -4.10 4.76
CA PRO B 69 12.34 -4.02 5.52
C PRO B 69 12.85 -2.59 5.45
N LEU B 70 13.68 -2.20 6.41
CA LEU B 70 14.24 -0.87 6.46
C LEU B 70 15.08 -0.62 5.20
N ASN B 71 15.13 0.64 4.77
CA ASN B 71 15.90 1.02 3.59
C ASN B 71 15.37 0.35 2.33
N TYR B 72 14.06 0.20 2.24
CA TYR B 72 13.45 -0.43 1.08
C TYR B 72 13.23 0.64 0.01
N ASN B 73 13.45 1.89 0.38
CA ASN B 73 13.29 3.02 -0.52
C ASN B 73 11.91 3.01 -1.17
N LEU B 74 10.90 3.36 -0.37
CA LEU B 74 9.51 3.38 -0.84
C LEU B 74 9.16 4.68 -1.56
N THR B 75 9.45 4.75 -2.85
CA THR B 75 9.14 5.94 -3.61
C THR B 75 7.62 6.04 -3.74
N GLU B 76 7.14 7.20 -4.17
CA GLU B 76 5.71 7.44 -4.32
C GLU B 76 5.10 6.43 -5.31
N GLU B 77 5.87 6.07 -6.34
CA GLU B 77 5.40 5.13 -7.35
C GLU B 77 5.37 3.70 -6.80
N LYS B 78 6.37 3.36 -5.99
CA LYS B 78 6.45 2.02 -5.43
C LYS B 78 5.28 1.75 -4.49
N ILE B 79 4.94 2.75 -3.68
CA ILE B 79 3.84 2.63 -2.74
C ILE B 79 2.52 2.37 -3.45
N ASN B 80 2.25 3.14 -4.51
CA ASN B 80 1.01 2.95 -5.25
C ASN B 80 1.03 1.60 -5.93
N TYR B 81 2.22 1.19 -6.37
CA TYR B 81 2.37 -0.11 -7.03
C TYR B 81 1.98 -1.22 -6.05
N PHE B 82 2.46 -1.11 -4.82
CA PHE B 82 2.15 -2.13 -3.80
C PHE B 82 0.67 -2.10 -3.39
N LYS B 83 0.10 -0.90 -3.24
CA LYS B 83 -1.29 -0.79 -2.85
C LYS B 83 -2.22 -1.42 -3.88
N GLU B 84 -1.99 -1.13 -5.16
CA GLU B 84 -2.84 -1.69 -6.21
C GLU B 84 -2.63 -3.18 -6.44
N LYS B 85 -1.40 -3.64 -6.25
CA LYS B 85 -1.11 -5.05 -6.47
C LYS B 85 -1.51 -5.97 -5.32
N TYR B 86 -1.33 -5.49 -4.09
CA TYR B 86 -1.64 -6.29 -2.92
C TYR B 86 -2.81 -5.82 -2.07
N ASN B 87 -3.50 -4.79 -2.54
CA ASN B 87 -4.66 -4.23 -1.86
C ASN B 87 -4.42 -3.86 -0.40
N VAL B 88 -3.23 -3.34 -0.10
CA VAL B 88 -2.92 -2.93 1.26
C VAL B 88 -3.33 -1.47 1.46
N ASP B 89 -3.75 -1.13 2.67
CA ASP B 89 -4.19 0.22 3.00
C ASP B 89 -3.07 1.18 3.33
N TYR B 90 -1.96 0.63 3.80
CA TYR B 90 -0.84 1.44 4.20
C TYR B 90 0.44 0.66 3.96
N VAL B 91 1.48 1.36 3.56
CA VAL B 91 2.78 0.73 3.29
C VAL B 91 3.80 1.45 4.15
N VAL B 92 4.56 0.70 4.92
CA VAL B 92 5.57 1.31 5.77
C VAL B 92 6.88 0.53 5.69
N GLU B 93 7.99 1.19 5.97
CA GLU B 93 9.28 0.53 5.95
C GLU B 93 9.94 0.72 7.30
N GLY B 94 10.70 -0.27 7.74
CA GLY B 94 11.35 -0.16 9.04
C GLY B 94 10.40 -0.60 10.14
N GLY B 95 10.60 -0.05 11.34
CA GLY B 95 9.75 -0.45 12.45
C GLY B 95 8.41 0.25 12.58
N VAL B 96 7.43 -0.51 13.06
CA VAL B 96 6.10 0.04 13.29
C VAL B 96 5.54 -0.61 14.56
N LEU B 97 4.92 0.19 15.42
CA LEU B 97 4.35 -0.33 16.64
C LEU B 97 2.89 -0.69 16.42
N GLY B 98 2.52 -1.86 16.89
CA GLY B 98 1.15 -2.32 16.78
C GLY B 98 0.67 -2.69 18.16
N THR B 99 -0.48 -3.34 18.24
CA THR B 99 -1.02 -3.75 19.54
C THR B 99 -1.92 -4.95 19.35
N THR B 100 -2.03 -5.77 20.39
CA THR B 100 -2.92 -6.92 20.33
C THR B 100 -4.32 -6.37 20.52
N ASN B 101 -5.31 -7.12 20.11
CA ASN B 101 -6.70 -6.70 20.30
C ASN B 101 -6.99 -7.00 21.77
N GLU B 102 -6.39 -8.10 22.23
CA GLU B 102 -6.58 -8.58 23.59
C GLU B 102 -5.95 -7.74 24.70
N TYR B 103 -6.75 -7.49 25.73
CA TYR B 103 -6.32 -6.76 26.92
C TYR B 103 -6.17 -7.86 27.98
N ILE B 104 -5.08 -7.84 28.72
CA ILE B 104 -4.87 -8.85 29.74
C ILE B 104 -4.54 -8.28 31.10
N GLU B 105 -4.74 -9.10 32.12
CA GLU B 105 -4.39 -8.74 33.50
C GLU B 105 -3.80 -10.02 34.07
N LEU B 106 -2.59 -9.93 34.58
CA LEU B 106 -1.94 -11.10 35.15
C LEU B 106 -1.94 -11.02 36.67
N PRO B 107 -2.14 -12.16 37.35
CA PRO B 107 -2.16 -12.25 38.81
C PRO B 107 -0.73 -12.15 39.36
N ASN B 108 -0.59 -12.12 40.69
CA ASN B 108 0.74 -12.00 41.27
C ASN B 108 1.54 -13.29 41.24
N ASP B 109 0.94 -14.35 40.71
CA ASP B 109 1.64 -15.65 40.67
C ASP B 109 1.86 -16.20 39.27
N ILE B 110 1.71 -15.32 38.27
CA ILE B 110 1.88 -15.71 36.87
C ILE B 110 2.64 -14.65 36.09
N SER B 111 3.56 -15.07 35.23
CA SER B 111 4.27 -14.15 34.36
C SER B 111 3.99 -14.72 32.98
N ALA B 112 3.89 -13.87 31.97
CA ALA B 112 3.61 -14.37 30.64
C ALA B 112 4.67 -13.90 29.67
N GLN B 113 4.86 -14.67 28.60
CA GLN B 113 5.82 -14.29 27.58
C GLN B 113 5.10 -14.21 26.24
N TYR B 114 5.30 -13.12 25.51
CA TYR B 114 4.68 -13.00 24.20
C TYR B 114 5.68 -13.48 23.17
N GLN B 115 5.21 -14.28 22.22
CA GLN B 115 6.04 -14.81 21.16
C GLN B 115 5.33 -14.59 19.84
N GLY B 116 6.09 -14.18 18.83
CA GLY B 116 5.49 -13.96 17.52
C GLY B 116 5.09 -15.29 16.90
N ARG B 117 4.05 -15.26 16.08
CA ARG B 117 3.52 -16.44 15.40
C ARG B 117 4.57 -17.16 14.56
N SER B 118 4.60 -18.49 14.65
CA SER B 118 5.56 -19.29 13.90
C SER B 118 5.53 -19.06 12.39
N SER B 119 4.33 -19.08 11.80
CA SER B 119 4.18 -18.87 10.36
C SER B 119 4.78 -17.54 9.92
N LEU B 120 4.68 -16.52 10.77
CA LEU B 120 5.24 -15.21 10.43
C LEU B 120 6.76 -15.20 10.61
N GLY B 121 7.24 -15.94 11.60
CA GLY B 121 8.67 -16.03 11.82
C GLY B 121 9.33 -16.64 10.61
N ARG B 122 8.68 -17.63 10.02
CA ARG B 122 9.21 -18.30 8.83
C ARG B 122 9.30 -17.38 7.62
N VAL B 123 8.63 -16.24 7.66
CA VAL B 123 8.73 -15.29 6.56
C VAL B 123 9.50 -14.05 7.02
N PHE B 124 10.27 -14.25 8.09
CA PHE B 124 11.13 -13.22 8.68
C PHE B 124 10.43 -11.96 9.17
N LEU B 125 9.21 -12.12 9.68
CA LEU B 125 8.43 -11.01 10.21
C LEU B 125 8.37 -11.22 11.71
N THR B 126 8.82 -10.23 12.47
CA THR B 126 8.80 -10.32 13.93
C THR B 126 7.86 -9.27 14.50
N SER B 127 7.22 -9.58 15.63
CA SER B 127 6.31 -8.64 16.26
C SER B 127 6.78 -8.30 17.67
N HIS B 128 8.03 -8.64 17.98
CA HIS B 128 8.59 -8.34 19.29
C HIS B 128 10.12 -8.42 19.20
N GLN B 129 10.77 -7.37 19.69
CA GLN B 129 12.22 -7.29 19.65
C GLN B 129 12.88 -7.97 20.85
N THR B 130 12.21 -7.92 22.01
CA THR B 130 12.75 -8.52 23.22
C THR B 130 12.19 -9.93 23.43
N ALA B 131 12.67 -10.60 24.47
CA ALA B 131 12.22 -11.95 24.80
C ALA B 131 10.70 -11.95 24.96
N GLY B 132 10.16 -10.85 25.47
CA GLY B 132 8.72 -10.74 25.61
C GLY B 132 8.09 -11.06 26.95
N TRP B 133 8.89 -11.26 27.99
CA TRP B 133 8.34 -11.56 29.32
C TRP B 133 7.57 -10.37 29.86
N ILE B 134 6.42 -10.65 30.47
CA ILE B 134 5.54 -9.63 31.03
C ILE B 134 5.43 -9.85 32.54
N ASP B 135 5.67 -8.80 33.32
CA ASP B 135 5.62 -8.89 34.79
C ASP B 135 4.30 -9.38 35.37
N ALA B 136 4.39 -10.12 36.48
CA ALA B 136 3.20 -10.59 37.16
C ALA B 136 2.53 -9.28 37.61
N GLY B 137 1.21 -9.22 37.59
CA GLY B 137 0.52 -8.00 38.01
C GLY B 137 0.24 -7.04 36.86
N PHE B 138 0.82 -7.29 35.70
CA PHE B 138 0.61 -6.45 34.53
C PHE B 138 -0.85 -6.35 34.13
N LYS B 139 -1.24 -5.18 33.61
CA LYS B 139 -2.58 -4.95 33.12
C LYS B 139 -2.46 -4.11 31.85
N GLY B 140 -3.12 -4.54 30.78
CA GLY B 140 -3.07 -3.80 29.53
C GLY B 140 -3.02 -4.65 28.27
N LYS B 141 -3.00 -3.99 27.12
CA LYS B 141 -2.90 -4.70 25.86
C LYS B 141 -1.41 -4.87 25.64
N ILE B 142 -1.02 -5.75 24.73
CA ILE B 142 0.39 -6.00 24.46
C ILE B 142 0.88 -5.14 23.30
N THR B 143 1.96 -4.39 23.52
CA THR B 143 2.50 -3.57 22.44
C THR B 143 3.36 -4.42 21.54
N LEU B 144 3.13 -4.33 20.24
CA LEU B 144 3.86 -5.13 19.27
C LEU B 144 4.94 -4.31 18.54
N GLU B 145 6.13 -4.87 18.45
CA GLU B 145 7.25 -4.23 17.76
C GLU B 145 7.44 -4.99 16.46
N ILE B 146 6.84 -4.47 15.40
CA ILE B 146 6.88 -5.13 14.10
C ILE B 146 7.99 -4.68 13.14
N VAL B 147 8.76 -5.65 12.66
CA VAL B 147 9.85 -5.41 11.72
C VAL B 147 9.96 -6.60 10.76
N ALA B 148 10.19 -6.33 9.48
CA ALA B 148 10.35 -7.39 8.49
C ALA B 148 11.83 -7.41 8.14
N PHE B 149 12.44 -8.59 8.05
CA PHE B 149 13.87 -8.69 7.77
C PHE B 149 14.29 -9.25 6.43
N ASP B 150 13.34 -9.65 5.59
CA ASP B 150 13.71 -10.21 4.29
C ASP B 150 13.03 -9.50 3.13
N LYS B 151 11.72 -9.66 3.03
CA LYS B 151 10.94 -9.02 1.98
C LYS B 151 9.68 -8.45 2.62
N PRO B 152 8.94 -7.59 1.91
CA PRO B 152 7.72 -7.01 2.46
C PRO B 152 6.75 -8.12 2.90
N VAL B 153 6.03 -7.87 3.98
CA VAL B 153 5.07 -8.85 4.49
C VAL B 153 3.72 -8.20 4.72
N ILE B 154 2.65 -8.84 4.24
CA ILE B 154 1.31 -8.29 4.44
C ILE B 154 0.72 -8.77 5.78
N LEU B 155 0.23 -7.82 6.57
CA LEU B 155 -0.39 -8.19 7.85
C LEU B 155 -1.84 -7.78 7.73
N TYR B 156 -2.71 -8.63 8.27
CA TYR B 156 -4.15 -8.40 8.20
C TYR B 156 -4.75 -8.06 9.55
N LYS B 157 -5.64 -7.08 9.56
CA LYS B 157 -6.30 -6.70 10.80
C LYS B 157 -6.96 -7.95 11.38
N ASN B 158 -6.90 -8.10 12.71
CA ASN B 158 -7.50 -9.23 13.41
C ASN B 158 -6.89 -10.62 13.20
N GLN B 159 -5.82 -10.73 12.42
CA GLN B 159 -5.21 -12.03 12.20
C GLN B 159 -4.45 -12.44 13.47
N ARG B 160 -4.25 -13.75 13.66
CA ARG B 160 -3.48 -14.19 14.82
C ARG B 160 -2.08 -13.68 14.51
N ILE B 161 -1.45 -13.04 15.49
CA ILE B 161 -0.13 -12.45 15.28
C ILE B 161 0.95 -13.08 16.17
N GLY B 162 0.52 -13.69 17.26
CA GLY B 162 1.45 -14.31 18.17
C GLY B 162 0.74 -15.07 19.26
N GLN B 163 1.47 -15.45 20.29
CA GLN B 163 0.90 -16.21 21.40
C GLN B 163 1.49 -15.79 22.74
N LEU B 164 0.74 -16.09 23.80
CA LEU B 164 1.16 -15.81 25.15
C LEU B 164 1.40 -17.16 25.82
N ILE B 165 2.57 -17.31 26.43
CA ILE B 165 2.92 -18.53 27.15
C ILE B 165 2.89 -18.09 28.60
N PHE B 166 2.13 -18.78 29.43
CA PHE B 166 2.03 -18.40 30.84
C PHE B 166 2.90 -19.30 31.70
N SER B 167 3.64 -18.69 32.62
CA SER B 167 4.50 -19.44 33.54
C SER B 167 4.14 -19.16 34.99
N LYS B 168 4.21 -20.18 35.83
CA LYS B 168 3.91 -19.98 37.25
C LYS B 168 5.12 -19.33 37.91
N LEU B 169 4.88 -18.50 38.92
CA LEU B 169 5.99 -17.92 39.65
C LEU B 169 6.20 -18.87 40.82
N LEU B 170 7.43 -18.92 41.33
CA LEU B 170 7.76 -19.81 42.45
C LEU B 170 7.04 -19.39 43.73
N SER B 171 6.83 -18.08 43.85
CA SER B 171 6.16 -17.48 45.00
C SER B 171 5.38 -16.28 44.47
N PRO B 172 4.43 -15.78 45.25
CA PRO B 172 3.63 -14.62 44.84
C PRO B 172 4.55 -13.40 44.81
N ALA B 173 4.35 -12.52 43.83
CA ALA B 173 5.16 -11.31 43.74
C ALA B 173 4.44 -10.18 44.46
N ASP B 174 5.14 -9.07 44.70
CA ASP B 174 4.54 -7.91 45.36
C ASP B 174 4.14 -6.92 44.26
N VAL B 175 3.05 -7.23 43.58
CA VAL B 175 2.52 -6.41 42.49
C VAL B 175 1.93 -5.08 42.94
N GLY B 176 2.67 -4.35 43.76
CA GLY B 176 2.19 -3.07 44.25
C GLY B 176 1.94 -2.07 43.14
N TYR B 177 2.70 -2.19 42.05
CA TYR B 177 2.55 -1.29 40.91
C TYR B 177 2.11 -2.07 39.68
C1 EDO C . -10.40 20.45 -22.86
O1 EDO C . -9.99 19.80 -24.06
C2 EDO C . -10.73 21.93 -23.14
O2 EDO C . -10.51 22.24 -24.53
C1 EDO D . -9.87 2.50 9.58
O1 EDO D . -10.86 2.15 8.61
C2 EDO D . -9.18 3.82 9.21
O2 EDO D . -9.70 4.35 7.98
C1 EDO E . 2.93 19.75 -19.10
O1 EDO E . 1.77 20.53 -18.82
C2 EDO E . 3.23 19.79 -20.61
O2 EDO E . 2.26 20.60 -21.30
N1 DCP F . 4.91 -3.64 27.60
C2 DCP F . 4.19 -4.80 26.95
N3 DCP F . 4.70 -5.23 25.62
C4 DCP F . 5.75 -4.65 25.09
C5 DCP F . 6.40 -3.56 25.71
C6 DCP F . 5.96 -3.11 26.96
O2 DCP F . 3.20 -5.35 27.45
N4 DCP F . 6.17 -5.07 23.92
C1' DCP F . 4.44 -3.12 28.97
C2' DCP F . 5.16 -3.79 30.16
C3' DCP F . 6.05 -2.71 30.73
C4' DCP F . 5.37 -1.39 30.33
O4' DCP F . 4.61 -1.69 29.13
O3' DCP F . 6.24 -2.83 32.13
C5' DCP F . 6.32 -0.21 30.02
O5' DCP F . 6.80 0.47 31.20
PA DCP F . 7.83 1.74 31.18
O1A DCP F . 7.85 2.29 32.62
O2A DCP F . 7.18 2.77 30.24
O3A DCP F . 9.15 1.22 30.61
PB DCP F . 10.37 1.29 31.52
O1B DCP F . 10.66 2.74 31.95
O2B DCP F . 11.62 0.75 30.84
O3B DCP F . 10.14 0.43 32.79
PG DCP F . 10.15 -1.10 32.61
O1G DCP F . 9.56 -1.75 33.85
O2G DCP F . 11.56 -1.64 32.43
O3G DCP F . 9.29 -1.52 31.41
C1 EDO G . 0.96 0.69 19.90
O1 EDO G . 0.06 0.07 20.82
C2 EDO G . 0.25 0.91 18.54
O2 EDO G . -1.11 0.44 18.60
C1 EDO H . -5.07 -9.96 38.59
O1 EDO H . -5.75 -11.18 38.24
C2 EDO H . -5.97 -8.75 38.27
O2 EDO H . -7.23 -9.19 37.72
C1 EDO I . -11.36 -4.80 16.07
O1 EDO I . -10.69 -5.78 16.88
C2 EDO I . -10.36 -3.75 15.56
O2 EDO I . -9.03 -4.02 16.02
C1 EDO J . -10.31 -11.10 16.33
O1 EDO J . -11.63 -10.64 16.05
C2 EDO J . -10.12 -11.25 17.86
O2 EDO J . -11.32 -10.89 18.56
#